data_5SBL
#
_entry.id   5SBL
#
_cell.length_a   30.668
_cell.length_b   81.473
_cell.length_c   31.911
_cell.angle_alpha   90.000
_cell.angle_beta   117.750
_cell.angle_gamma   90.000
#
_symmetry.space_group_name_H-M   'P 1 21 1'
#
loop_
_entity.id
_entity.type
_entity.pdbx_description
1 polymer 'CD44 antigen'
2 non-polymer 2-[(methylsulfonyl)methyl]-1H-benzimidazole
3 non-polymer 'DIMETHYL SULFOXIDE'
4 non-polymer 1,2-ETHANEDIOL
5 water water
#
_entity_poly.entity_id   1
_entity_poly.type   'polypeptide(L)'
_entity_poly.pdbx_seq_one_letter_code
;MNQIDLNVTCRYAGVFHVEKNGRYSISRTEAADLCQAFNSTLPTMDQMKLALSKGFETCRYGFIEGNVVIPRIHPNAICA
ANHTGVYILVTSNTSHYDTYCFNASAPPEEDCTSVTDLPNSFDGPVTITIVNRDGTRYSKKGEYRTHQEDID
;
_entity_poly.pdbx_strand_id   A
#
# COMPACT_ATOMS: atom_id res chain seq x y z
N GLN A 3 13.34 11.85 6.21
CA GLN A 3 12.75 10.67 6.86
C GLN A 3 11.39 10.40 6.23
N ILE A 4 11.13 9.13 5.93
CA ILE A 4 9.86 8.71 5.30
C ILE A 4 9.22 7.65 6.14
N ASP A 5 7.96 7.82 6.51
CA ASP A 5 7.21 6.79 7.24
C ASP A 5 6.34 6.08 6.23
N LEU A 6 6.34 4.77 6.25
CA LEU A 6 5.45 3.97 5.39
C LEU A 6 4.59 3.12 6.30
N ASN A 7 3.33 3.52 6.49
CA ASN A 7 2.44 2.75 7.34
C ASN A 7 1.89 1.62 6.51
N VAL A 8 2.06 0.40 6.96
CA VAL A 8 1.58 -0.78 6.22
C VAL A 8 0.56 -1.57 7.02
N THR A 9 -0.20 -2.39 6.32
CA THR A 9 -1.20 -3.22 6.96
C THR A 9 -0.84 -4.70 6.91
N CYS A 10 -1.75 -5.52 7.49
CA CYS A 10 -1.88 -6.95 7.22
C CYS A 10 -1.87 -7.13 5.69
N ARG A 11 -1.46 -8.31 5.27
CA ARG A 11 -1.61 -8.68 3.88
C ARG A 11 -2.79 -9.65 3.82
N TYR A 12 -3.57 -9.53 2.76
CA TYR A 12 -4.70 -10.43 2.51
C TYR A 12 -4.57 -10.96 1.14
N ALA A 13 -4.28 -12.26 1.04
CA ALA A 13 -3.96 -12.85 -0.25
C ALA A 13 -2.84 -12.04 -0.96
N GLY A 14 -1.90 -11.59 -0.17
CA GLY A 14 -0.75 -10.85 -0.69
C GLY A 14 -0.94 -9.36 -0.83
N VAL A 15 -2.15 -8.84 -0.71
CA VAL A 15 -2.42 -7.44 -0.90
C VAL A 15 -2.35 -6.71 0.39
N PHE A 16 -1.69 -5.56 0.37
CA PHE A 16 -1.58 -4.71 1.53
C PHE A 16 -1.64 -3.26 1.16
N HIS A 17 -1.91 -2.41 2.14
CA HIS A 17 -2.01 -0.97 1.93
C HIS A 17 -0.78 -0.31 2.52
N VAL A 18 -0.32 0.72 1.82
CA VAL A 18 0.82 1.53 2.22
C VAL A 18 0.42 3.00 2.18
N GLU A 19 0.56 3.69 3.33
CA GLU A 19 0.30 5.11 3.43
C GLU A 19 1.63 5.77 3.69
N LYS A 20 1.98 6.80 2.91
CA LYS A 20 3.27 7.48 3.06
C LYS A 20 3.11 8.76 3.82
N ASN A 21 3.90 8.89 4.89
CA ASN A 21 3.98 10.13 5.67
C ASN A 21 2.64 10.64 6.19
N GLY A 22 1.74 9.72 6.50
CA GLY A 22 0.48 10.03 7.13
C GLY A 22 -0.47 10.90 6.33
N ARG A 23 -0.28 10.95 5.03
CA ARG A 23 -1.17 11.73 4.17
CA ARG A 23 -1.07 11.81 4.14
C ARG A 23 -1.16 11.17 2.77
N TYR A 24 -2.18 11.51 1.97
CA TYR A 24 -2.26 11.04 0.58
C TYR A 24 -1.10 11.77 -0.14
N SER A 25 -0.09 11.01 -0.53
CA SER A 25 1.14 11.68 -1.03
C SER A 25 1.92 10.92 -2.04
N ILE A 26 1.31 9.89 -2.63
CA ILE A 26 2.00 9.04 -3.57
C ILE A 26 1.42 9.23 -4.95
N SER A 27 2.26 9.47 -5.95
CA SER A 27 1.81 9.52 -7.33
C SER A 27 1.71 8.10 -7.90
N ARG A 28 1.08 7.92 -9.08
CA ARG A 28 1.02 6.57 -9.64
C ARG A 28 2.44 6.02 -9.96
N THR A 29 3.37 6.87 -10.44
CA THR A 29 4.72 6.39 -10.73
C THR A 29 5.44 6.01 -9.46
N GLU A 30 5.26 6.80 -8.39
CA GLU A 30 5.91 6.49 -7.14
C GLU A 30 5.34 5.22 -6.55
N ALA A 31 4.04 4.97 -6.73
CA ALA A 31 3.40 3.80 -6.19
C ALA A 31 4.00 2.54 -6.73
N ALA A 32 4.26 2.49 -8.03
CA ALA A 32 4.88 1.30 -8.63
C ALA A 32 6.26 1.09 -8.07
N ASP A 33 7.02 2.17 -7.91
CA ASP A 33 8.37 2.06 -7.34
C ASP A 33 8.36 1.62 -5.89
N LEU A 34 7.39 2.11 -5.13
CA LEU A 34 7.27 1.77 -3.73
CA LEU A 34 7.24 1.77 -3.73
C LEU A 34 6.93 0.30 -3.59
N CYS A 35 5.97 -0.20 -4.42
CA CYS A 35 5.67 -1.64 -4.32
C CYS A 35 6.88 -2.45 -4.71
N GLN A 36 7.64 -1.99 -5.70
CA GLN A 36 8.85 -2.72 -6.11
C GLN A 36 9.85 -2.84 -4.98
N ALA A 37 9.90 -1.85 -4.07
CA ALA A 37 10.79 -1.91 -2.93
C ALA A 37 10.41 -3.01 -1.94
N PHE A 38 9.11 -3.40 -1.92
CA PHE A 38 8.61 -4.51 -1.15
C PHE A 38 8.60 -5.80 -1.96
N ASN A 39 9.32 -5.86 -3.08
CA ASN A 39 9.28 -7.02 -3.99
C ASN A 39 7.86 -7.34 -4.39
N SER A 40 7.09 -6.27 -4.63
CA SER A 40 5.66 -6.36 -4.86
C SER A 40 5.29 -5.55 -6.07
N THR A 41 4.04 -5.68 -6.51
CA THR A 41 3.55 -4.95 -7.65
C THR A 41 2.22 -4.28 -7.27
N LEU A 42 1.73 -3.38 -8.12
CA LEU A 42 0.38 -2.82 -7.89
CA LEU A 42 0.39 -2.81 -7.93
C LEU A 42 -0.58 -3.98 -8.13
N PRO A 43 -1.53 -4.21 -7.22
CA PRO A 43 -2.46 -5.33 -7.43
C PRO A 43 -3.30 -5.13 -8.66
N THR A 44 -3.69 -6.23 -9.29
CA THR A 44 -4.71 -6.13 -10.31
C THR A 44 -6.06 -6.04 -9.57
N MET A 45 -7.12 -5.63 -10.27
CA MET A 45 -8.45 -5.62 -9.70
C MET A 45 -8.83 -7.04 -9.23
N ASP A 46 -8.49 -8.10 -10.00
CA ASP A 46 -8.79 -9.44 -9.53
C ASP A 46 -8.07 -9.77 -8.24
N GLN A 47 -6.78 -9.41 -8.16
CA GLN A 47 -6.05 -9.66 -6.90
C GLN A 47 -6.69 -8.93 -5.72
N MET A 48 -7.11 -7.70 -5.96
CA MET A 48 -7.76 -6.89 -4.93
C MET A 48 -9.10 -7.52 -4.51
N LYS A 49 -9.88 -7.95 -5.47
CA LYS A 49 -11.15 -8.59 -5.13
C LYS A 49 -10.95 -9.85 -4.30
N LEU A 50 -9.88 -10.63 -4.60
CA LEU A 50 -9.68 -11.82 -3.79
C LEU A 50 -9.23 -11.42 -2.39
N ALA A 51 -8.39 -10.35 -2.28
CA ALA A 51 -7.99 -9.87 -0.95
C ALA A 51 -9.20 -9.43 -0.14
N LEU A 52 -10.11 -8.69 -0.76
CA LEU A 52 -11.36 -8.26 -0.11
CA LEU A 52 -11.32 -8.26 -0.06
C LEU A 52 -12.11 -9.47 0.43
N SER A 53 -12.20 -10.52 -0.39
CA SER A 53 -12.94 -11.71 0.02
C SER A 53 -12.31 -12.41 1.22
N LYS A 54 -11.01 -12.21 1.45
CA LYS A 54 -10.31 -12.78 2.60
C LYS A 54 -10.37 -11.92 3.86
N GLY A 55 -10.98 -10.73 3.76
CA GLY A 55 -11.10 -9.88 4.94
C GLY A 55 -10.44 -8.50 4.84
N PHE A 56 -9.94 -8.12 3.67
CA PHE A 56 -9.29 -6.82 3.52
C PHE A 56 -10.26 -5.68 3.32
N GLU A 57 -10.13 -4.65 4.14
CA GLU A 57 -10.80 -3.39 3.90
C GLU A 57 -9.97 -2.29 4.47
N THR A 58 -10.05 -1.13 3.86
CA THR A 58 -9.40 0.08 4.41
C THR A 58 -10.41 1.22 4.31
N CYS A 59 -10.01 2.41 4.79
CA CYS A 59 -10.81 3.59 4.61
C CYS A 59 -9.99 4.65 3.88
N ARG A 60 -9.14 4.22 2.94
CA ARG A 60 -8.24 5.14 2.26
C ARG A 60 -8.15 4.79 0.79
N TYR A 61 -8.14 5.83 -0.04
CA TYR A 61 -7.93 5.63 -1.47
C TYR A 61 -6.50 5.20 -1.73
N GLY A 62 -6.35 4.22 -2.62
CA GLY A 62 -5.00 3.80 -3.00
C GLY A 62 -4.95 3.27 -4.40
N PHE A 63 -3.80 3.40 -5.02
CA PHE A 63 -3.67 2.83 -6.39
C PHE A 63 -3.71 1.32 -6.38
N ILE A 64 -4.32 0.78 -7.41
CA ILE A 64 -4.12 -0.57 -7.90
C ILE A 64 -3.74 -0.36 -9.38
N GLU A 65 -3.53 -1.44 -10.13
CA GLU A 65 -3.32 -1.31 -11.56
C GLU A 65 -4.60 -0.80 -12.20
N GLY A 66 -4.49 0.37 -12.81
CA GLY A 66 -5.58 0.92 -13.59
C GLY A 66 -6.55 1.83 -12.88
N ASN A 67 -6.64 1.75 -11.55
CA ASN A 67 -7.63 2.56 -10.84
C ASN A 67 -7.14 2.92 -9.45
N VAL A 68 -7.89 3.79 -8.79
CA VAL A 68 -7.70 4.17 -7.39
C VAL A 68 -8.93 3.68 -6.67
N VAL A 69 -8.73 2.87 -5.62
CA VAL A 69 -9.84 2.17 -5.01
C VAL A 69 -9.79 2.18 -3.49
N ILE A 70 -10.92 1.77 -2.88
CA ILE A 70 -11.00 1.49 -1.45
C ILE A 70 -11.72 0.15 -1.34
N PRO A 71 -11.08 -0.89 -0.80
CA PRO A 71 -11.81 -2.14 -0.56
C PRO A 71 -12.65 -1.96 0.69
N ARG A 72 -13.93 -2.34 0.59
CA ARG A 72 -14.85 -2.22 1.71
C ARG A 72 -15.64 -3.50 1.94
N ILE A 73 -15.68 -3.93 3.18
CA ILE A 73 -16.49 -5.07 3.56
C ILE A 73 -17.70 -4.55 4.28
N HIS A 74 -17.50 -3.72 5.30
CA HIS A 74 -18.58 -3.23 6.14
C HIS A 74 -18.94 -1.82 5.73
N PRO A 75 -20.22 -1.55 5.44
CA PRO A 75 -20.59 -0.17 5.07
C PRO A 75 -20.31 0.81 6.19
N ASN A 76 -19.63 1.88 5.83
CA ASN A 76 -19.34 2.96 6.76
C ASN A 76 -19.55 4.24 5.98
N ALA A 77 -20.39 5.15 6.52
CA ALA A 77 -20.73 6.39 5.83
C ALA A 77 -19.53 7.25 5.47
N ILE A 78 -18.45 7.18 6.26
CA ILE A 78 -17.25 7.98 5.99
C ILE A 78 -16.15 7.24 5.21
N CYS A 79 -16.44 6.02 4.74
CA CYS A 79 -15.48 5.24 3.96
C CYS A 79 -16.14 4.88 2.67
N ALA A 80 -15.74 5.50 1.56
CA ALA A 80 -16.27 5.20 0.22
C ALA A 80 -17.79 5.39 0.14
N ALA A 81 -18.30 6.49 0.70
CA ALA A 81 -19.73 6.81 0.64
C ALA A 81 -20.67 5.62 0.96
N ASN A 82 -20.34 4.85 2.00
CA ASN A 82 -21.12 3.71 2.47
C ASN A 82 -21.14 2.49 1.54
N HIS A 83 -20.27 2.46 0.54
CA HIS A 83 -20.24 1.36 -0.39
C HIS A 83 -19.54 0.13 0.16
N THR A 84 -19.83 -1.01 -0.44
CA THR A 84 -19.12 -2.25 -0.17
C THR A 84 -18.51 -2.72 -1.47
N GLY A 85 -17.59 -3.66 -1.38
CA GLY A 85 -16.86 -4.17 -2.53
C GLY A 85 -15.66 -3.31 -2.77
N VAL A 86 -15.01 -3.54 -3.92
CA VAL A 86 -13.87 -2.71 -4.28
C VAL A 86 -14.43 -1.42 -4.85
N TYR A 87 -14.49 -0.38 -4.05
CA TYR A 87 -15.03 0.89 -4.49
C TYR A 87 -14.04 1.60 -5.37
N ILE A 88 -14.48 1.96 -6.57
CA ILE A 88 -13.59 2.63 -7.51
C ILE A 88 -13.81 4.13 -7.50
N LEU A 89 -12.71 4.91 -7.29
CA LEU A 89 -12.81 6.36 -7.38
C LEU A 89 -13.08 6.73 -8.80
N VAL A 90 -14.14 7.55 -9.02
CA VAL A 90 -14.51 7.92 -10.38
C VAL A 90 -14.07 9.33 -10.68
N THR A 91 -14.42 10.30 -9.80
CA THR A 91 -14.16 11.69 -10.09
C THR A 91 -13.33 12.33 -9.04
N SER A 92 -12.15 12.81 -9.44
CA SER A 92 -11.31 13.52 -8.49
C SER A 92 -10.50 14.52 -9.26
N ASN A 93 -10.23 15.69 -8.68
CA ASN A 93 -9.31 16.63 -9.33
C ASN A 93 -7.86 16.22 -9.25
N THR A 94 -7.51 15.45 -8.23
CA THR A 94 -6.14 15.30 -7.76
C THR A 94 -5.51 13.95 -8.03
N SER A 95 -4.18 13.89 -7.92
CA SER A 95 -3.43 12.76 -8.41
C SER A 95 -2.71 11.95 -7.38
N HIS A 96 -2.69 12.37 -6.10
CA HIS A 96 -1.87 11.69 -5.09
C HIS A 96 -2.70 10.94 -4.08
N TYR A 97 -2.38 9.67 -3.90
CA TYR A 97 -3.19 8.82 -3.01
C TYR A 97 -2.25 7.98 -2.16
N ASP A 98 -2.78 6.98 -1.50
CA ASP A 98 -1.92 5.97 -0.88
C ASP A 98 -1.71 4.91 -1.98
N THR A 99 -1.13 3.76 -1.67
CA THR A 99 -1.05 2.68 -2.63
C THR A 99 -1.40 1.37 -2.01
N TYR A 100 -1.84 0.47 -2.84
CA TYR A 100 -1.88 -0.94 -2.47
C TYR A 100 -0.70 -1.57 -3.18
N CYS A 101 -0.24 -2.69 -2.64
CA CYS A 101 0.84 -3.52 -3.17
C CYS A 101 0.44 -4.96 -3.04
N PHE A 102 1.01 -5.80 -3.88
CA PHE A 102 0.73 -7.22 -3.92
C PHE A 102 2.03 -7.97 -3.93
N ASN A 103 2.20 -8.80 -2.92
CA ASN A 103 3.37 -9.67 -2.73
CA ASN A 103 3.36 -9.66 -2.82
C ASN A 103 2.92 -11.10 -3.03
N ALA A 104 3.32 -11.65 -4.18
CA ALA A 104 2.92 -13.02 -4.51
C ALA A 104 3.39 -14.09 -3.56
N SER A 105 4.44 -13.84 -2.78
CA SER A 105 5.00 -14.82 -1.86
CA SER A 105 4.94 -14.88 -1.88
C SER A 105 4.38 -14.78 -0.47
N ALA A 106 3.42 -13.85 -0.23
CA ALA A 106 2.78 -13.75 1.05
C ALA A 106 1.82 -14.95 1.21
N PRO A 107 1.27 -15.13 2.40
CA PRO A 107 0.31 -16.24 2.60
C PRO A 107 -0.97 -16.03 1.81
N PRO A 108 -1.72 -17.11 1.55
CA PRO A 108 -2.90 -16.98 0.69
C PRO A 108 -4.06 -16.24 1.30
N GLU A 109 -4.17 -16.22 2.64
CA GLU A 109 -5.34 -15.61 3.24
C GLU A 109 -4.93 -14.44 4.13
N GLU A 110 -5.46 -14.31 5.35
CA GLU A 110 -5.12 -13.17 6.18
C GLU A 110 -3.76 -13.38 6.83
N ASP A 111 -2.86 -12.44 6.60
CA ASP A 111 -1.57 -12.45 7.24
C ASP A 111 -1.43 -11.15 7.98
N CYS A 112 -1.73 -11.19 9.29
CA CYS A 112 -1.63 -10.02 10.15
C CYS A 112 -0.37 -10.04 10.99
N THR A 113 0.68 -10.70 10.48
CA THR A 113 2.00 -10.52 11.09
C THR A 113 2.51 -9.17 10.62
N SER A 114 3.51 -8.65 11.30
CA SER A 114 4.09 -7.38 10.93
C SER A 114 5.08 -7.52 9.77
N VAL A 115 5.33 -6.39 9.11
CA VAL A 115 6.31 -6.29 8.05
C VAL A 115 7.62 -5.89 8.71
N THR A 116 8.68 -6.64 8.43
CA THR A 116 9.95 -6.45 9.11
C THR A 116 11.11 -6.24 8.14
N ASP A 117 10.84 -5.86 6.88
CA ASP A 117 11.89 -5.61 5.93
C ASP A 117 11.37 -4.76 4.77
N LEU A 118 12.27 -4.07 4.08
CA LEU A 118 11.98 -3.33 2.84
C LEU A 118 13.07 -3.91 1.97
N PRO A 119 12.81 -5.09 1.39
CA PRO A 119 13.91 -5.87 0.82
C PRO A 119 14.57 -5.37 -0.44
N ASN A 120 13.87 -4.56 -1.21
CA ASN A 120 14.37 -4.15 -2.50
C ASN A 120 14.55 -2.68 -2.66
N SER A 121 14.81 -1.98 -1.56
CA SER A 121 15.12 -0.56 -1.64
C SER A 121 16.53 -0.45 -2.16
N PHE A 122 16.84 0.71 -2.75
CA PHE A 122 18.13 1.04 -3.32
CA PHE A 122 18.19 0.85 -3.25
C PHE A 122 18.97 1.79 -2.32
N ASP A 123 20.24 2.00 -2.64
CA ASP A 123 21.10 2.85 -1.83
C ASP A 123 20.53 4.27 -1.78
N GLY A 124 20.61 4.90 -0.62
CA GLY A 124 20.17 6.27 -0.46
C GLY A 124 20.43 6.76 0.94
N PRO A 125 20.38 8.08 1.16
CA PRO A 125 20.69 8.63 2.50
C PRO A 125 19.50 8.76 3.46
N VAL A 126 18.28 8.68 2.94
CA VAL A 126 17.10 8.92 3.76
C VAL A 126 16.62 7.71 4.51
N THR A 127 16.21 7.92 5.76
CA THR A 127 15.74 6.83 6.58
C THR A 127 14.31 6.56 6.22
N ILE A 128 14.05 5.36 5.79
CA ILE A 128 12.69 4.91 5.50
C ILE A 128 12.28 4.01 6.66
N THR A 129 11.15 4.34 7.28
CA THR A 129 10.66 3.57 8.40
C THR A 129 9.34 2.91 8.05
N ILE A 130 9.28 1.58 8.12
CA ILE A 130 8.05 0.83 7.94
CA ILE A 130 8.06 0.83 7.93
C ILE A 130 7.37 0.85 9.29
N VAL A 131 6.15 1.33 9.33
CA VAL A 131 5.40 1.40 10.57
C VAL A 131 4.23 0.46 10.50
N ASN A 132 4.22 -0.54 11.35
CA ASN A 132 3.12 -1.47 11.38
C ASN A 132 1.96 -0.92 12.17
N ARG A 133 0.77 -1.51 11.99
CA ARG A 133 -0.40 -1.04 12.72
CA ARG A 133 -0.40 -1.03 12.73
C ARG A 133 -0.22 -1.23 14.23
N ASP A 134 0.54 -2.26 14.66
CA ASP A 134 0.82 -2.47 16.05
C ASP A 134 1.97 -1.60 16.55
N GLY A 135 2.44 -0.67 15.72
CA GLY A 135 3.47 0.29 16.10
C GLY A 135 4.88 -0.21 15.90
N THR A 136 5.08 -1.51 15.67
CA THR A 136 6.43 -2.00 15.49
C THR A 136 7.02 -1.43 14.22
N ARG A 137 8.31 -1.13 14.25
CA ARG A 137 8.97 -0.45 13.16
CA ARG A 137 8.97 -0.45 13.15
C ARG A 137 10.20 -1.14 12.65
N TYR A 138 10.47 -0.96 11.35
CA TYR A 138 11.68 -1.44 10.72
C TYR A 138 12.22 -0.22 9.97
N SER A 139 13.46 0.17 10.23
CA SER A 139 14.03 1.34 9.55
C SER A 139 15.27 0.95 8.77
N LYS A 140 15.43 1.58 7.62
CA LYS A 140 16.61 1.35 6.80
CA LYS A 140 16.55 1.30 6.73
C LYS A 140 16.85 2.57 5.93
N LYS A 141 18.13 2.90 5.76
CA LYS A 141 18.50 4.02 4.92
C LYS A 141 18.42 3.54 3.46
N GLY A 142 17.76 4.31 2.61
CA GLY A 142 17.66 3.93 1.21
C GLY A 142 16.76 4.83 0.42
N GLU A 143 16.48 4.42 -0.79
CA GLU A 143 15.64 5.17 -1.71
C GLU A 143 14.84 4.11 -2.48
N TYR A 144 13.72 4.48 -3.04
CA TYR A 144 12.97 3.60 -3.92
C TYR A 144 12.43 4.30 -5.16
N ARG A 145 12.49 5.65 -5.20
CA ARG A 145 11.94 6.40 -6.31
C ARG A 145 12.86 6.42 -7.50
N THR A 146 12.36 6.07 -8.66
CA THR A 146 13.13 6.07 -9.89
C THR A 146 12.74 7.25 -10.80
N HIS A 147 11.57 7.85 -10.59
CA HIS A 147 11.12 8.93 -11.46
C HIS A 147 11.51 10.25 -10.92
N GLN A 148 12.17 11.07 -11.76
CA GLN A 148 12.61 12.39 -11.38
C GLN A 148 11.45 13.27 -10.96
N GLU A 149 10.30 13.15 -11.65
CA GLU A 149 9.10 13.89 -11.28
C GLU A 149 8.70 13.72 -9.79
N ASP A 150 8.93 12.52 -9.21
CA ASP A 150 8.62 12.29 -7.80
C ASP A 150 9.70 12.74 -6.82
N ILE A 151 10.90 12.98 -7.33
CA ILE A 151 12.05 13.42 -6.55
C ILE A 151 12.23 14.93 -6.70
#